data_7WWE
#
_entry.id   7WWE
#
_cell.length_a   42.920
_cell.length_b   77.976
_cell.length_c   53.628
_cell.angle_alpha   90.000
_cell.angle_beta   95.168
_cell.angle_gamma   90.000
#
_symmetry.space_group_name_H-M   'P 1 21 1'
#
loop_
_entity.id
_entity.type
_entity.pdbx_description
1 polymer 'Phosphatidylinositol transfer protein CSR1'
2 water water
#
_entity_poly.entity_id   1
_entity_poly.type   'polypeptide(L)'
_entity_poly.pdbx_seq_one_letter_code
;GSAMGSFDRQLTEDQEVVLKQIWTHLFHLWQVPVDGTHIFPNNSLHSKKKSSWFSKLQDSSEAAEAAHLYEKGKIHKALA
NLDPQTTKKQFWHDIKNETPDATILKFIRARKWNADKTIAMLGHDLYWRKDTINKIINGGERAVYENNETGVIKNLELQK
ATIQGYDNDMRPVILVRPRLHHSSDQTEQELEKFSLLVIEQSKLFFKENYPASTTILFDLNGFSMSNMDYAPVKFLITCF
EAHYPESLGHLLIHKAPWIFNPIWNIIKNWLDPVVASKIVFTKNIDELHKFIQPQYIPRYLGGENDNDLDHYTPPDGSLD
VHLKDTETRAMIEKEREELVEQFLTVTAQWIEHQPLNDPAYIQLQEKRVQLSTALCENYSKLDPYIRSRSVYDYNGSLKV
;
_entity_poly.pdbx_strand_id   A
#
# COMPACT_ATOMS: atom_id res chain seq x y z
N GLN A 10 17.80 9.44 -9.55
CA GLN A 10 19.01 8.79 -9.08
C GLN A 10 19.10 8.86 -7.57
N LEU A 11 20.17 8.29 -7.01
CA LEU A 11 20.44 8.33 -5.58
C LEU A 11 21.85 8.85 -5.35
N THR A 12 22.06 9.41 -4.16
CA THR A 12 23.37 9.94 -3.82
C THR A 12 24.26 8.86 -3.24
N GLU A 13 25.51 9.23 -2.98
CA GLU A 13 26.45 8.32 -2.34
C GLU A 13 25.89 7.80 -1.03
N ASP A 14 25.61 8.71 -0.09
CA ASP A 14 25.14 8.33 1.24
C ASP A 14 23.86 7.52 1.16
N GLN A 15 22.91 7.98 0.36
CA GLN A 15 21.63 7.30 0.25
C GLN A 15 21.81 5.87 -0.26
N GLU A 16 22.58 5.71 -1.33
CA GLU A 16 22.89 4.37 -1.84
C GLU A 16 23.53 3.51 -0.78
N VAL A 17 24.43 4.10 0.03
CA VAL A 17 25.05 3.24 1.03
C VAL A 17 24.02 2.79 2.06
N VAL A 18 23.07 3.66 2.42
CA VAL A 18 21.98 3.25 3.32
C VAL A 18 21.21 2.08 2.72
N LEU A 19 20.77 2.24 1.45
CA LEU A 19 20.05 1.19 0.74
C LEU A 19 20.82 -0.12 0.78
N LYS A 20 22.12 -0.05 0.46
CA LYS A 20 22.97 -1.23 0.52
C LYS A 20 22.94 -1.86 1.89
N GLN A 21 22.96 -1.05 2.94
CA GLN A 21 22.99 -1.63 4.28
C GLN A 21 21.71 -2.36 4.60
N ILE A 22 20.56 -1.80 4.21
CA ILE A 22 19.28 -2.46 4.49
C ILE A 22 19.21 -3.80 3.76
N TRP A 23 19.55 -3.79 2.47
CA TRP A 23 19.57 -5.04 1.72
C TRP A 23 20.54 -6.04 2.36
N THR A 24 21.67 -5.54 2.90
CA THR A 24 22.65 -6.41 3.54
C THR A 24 22.05 -7.09 4.78
N HIS A 25 21.38 -6.32 5.63
CA HIS A 25 20.76 -6.90 6.82
C HIS A 25 19.76 -7.98 6.43
N LEU A 26 18.90 -7.67 5.46
CA LEU A 26 17.92 -8.66 5.02
C LEU A 26 18.62 -9.88 4.42
N PHE A 27 19.73 -9.67 3.71
CA PHE A 27 20.46 -10.80 3.13
C PHE A 27 21.02 -11.71 4.23
N HIS A 28 21.54 -11.10 5.30
CA HIS A 28 22.03 -11.88 6.43
C HIS A 28 20.90 -12.70 7.04
N LEU A 29 19.72 -12.08 7.19
CA LEU A 29 18.58 -12.85 7.67
C LEU A 29 18.26 -14.02 6.77
N TRP A 30 18.30 -13.81 5.45
CA TRP A 30 17.88 -14.82 4.48
C TRP A 30 19.02 -15.74 4.03
N GLN A 31 20.24 -15.53 4.52
CA GLN A 31 21.37 -16.39 4.19
C GLN A 31 21.81 -16.22 2.73
N VAL A 32 21.77 -14.99 2.23
CA VAL A 32 22.24 -14.66 0.89
C VAL A 32 23.69 -14.21 0.99
N PRO A 33 24.64 -14.89 0.34
CA PRO A 33 26.04 -14.47 0.44
C PRO A 33 26.20 -13.01 0.04
N VAL A 34 26.87 -12.24 0.90
CA VAL A 34 27.22 -10.87 0.55
C VAL A 34 28.21 -10.35 1.56
N ASP A 35 29.06 -9.44 1.08
CA ASP A 35 30.06 -8.75 1.88
C ASP A 35 29.66 -7.28 1.92
N GLY A 36 29.42 -6.74 3.12
CA GLY A 36 28.89 -5.41 3.26
C GLY A 36 29.88 -4.40 3.81
N THR A 37 31.16 -4.74 3.75
CA THR A 37 32.18 -3.87 4.29
C THR A 37 32.70 -2.84 3.29
N HIS A 38 32.61 -3.12 1.98
CA HIS A 38 33.14 -2.21 0.97
C HIS A 38 32.17 -1.08 0.61
N ILE A 39 31.21 -0.79 1.49
CA ILE A 39 30.27 0.31 1.26
C ILE A 39 30.22 1.22 2.48
N LYS A 74 25.89 -11.06 14.08
CA LYS A 74 25.81 -10.89 12.64
C LYS A 74 24.42 -10.41 12.21
N ILE A 75 23.37 -11.19 12.50
CA ILE A 75 22.04 -10.73 12.13
C ILE A 75 21.61 -9.61 13.08
N HIS A 76 21.10 -8.54 12.48
CA HIS A 76 20.73 -7.35 13.24
C HIS A 76 19.72 -7.67 14.33
N LYS A 77 19.73 -6.85 15.37
CA LYS A 77 18.78 -6.99 16.47
C LYS A 77 17.34 -7.04 15.96
N ALA A 78 16.98 -6.10 15.06
CA ALA A 78 15.61 -5.99 14.55
C ALA A 78 15.15 -7.24 13.78
N LEU A 79 16.09 -8.06 13.30
CA LEU A 79 15.74 -9.27 12.57
C LEU A 79 16.13 -10.54 13.31
N ALA A 80 16.61 -10.42 14.55
CA ALA A 80 17.08 -11.59 15.29
C ALA A 80 15.95 -12.54 15.69
N ASN A 81 14.70 -12.08 15.70
CA ASN A 81 13.57 -12.88 16.16
C ASN A 81 12.57 -13.19 15.03
N LEU A 82 13.05 -13.24 13.78
CA LEU A 82 12.22 -13.51 12.62
C LEU A 82 12.63 -14.84 11.99
N ASP A 83 11.67 -15.53 11.38
CA ASP A 83 12.01 -16.77 10.69
C ASP A 83 12.53 -16.46 9.29
N PRO A 84 13.74 -16.90 8.95
CA PRO A 84 14.33 -16.55 7.63
C PRO A 84 13.44 -16.85 6.43
N GLN A 85 12.96 -18.09 6.31
CA GLN A 85 12.27 -18.40 5.04
C GLN A 85 10.85 -17.86 5.03
N THR A 86 10.12 -17.86 6.14
CA THR A 86 8.87 -17.12 6.25
C THR A 86 9.02 -15.70 5.71
N THR A 87 10.02 -14.99 6.26
CA THR A 87 10.17 -13.58 5.91
C THR A 87 10.53 -13.42 4.45
N LYS A 88 11.41 -14.27 3.91
CA LYS A 88 11.79 -14.14 2.51
C LYS A 88 10.58 -14.34 1.60
N LYS A 89 9.82 -15.40 1.82
CA LYS A 89 8.65 -15.65 0.98
C LYS A 89 7.60 -14.54 1.13
N GLN A 90 7.35 -14.08 2.36
CA GLN A 90 6.36 -13.03 2.53
C GLN A 90 6.79 -11.74 1.85
N PHE A 91 8.06 -11.37 2.01
CA PHE A 91 8.58 -10.14 1.39
C PHE A 91 8.44 -10.19 -0.12
N TRP A 92 8.84 -11.29 -0.76
CA TRP A 92 8.74 -11.26 -2.21
C TRP A 92 7.29 -11.36 -2.69
N HIS A 93 6.39 -12.00 -1.92
CA HIS A 93 4.97 -11.92 -2.24
C HIS A 93 4.47 -10.48 -2.24
N ASP A 94 4.68 -9.77 -1.11
CA ASP A 94 4.15 -8.41 -0.98
C ASP A 94 4.75 -7.45 -2.01
N ILE A 95 5.82 -7.83 -2.69
CA ILE A 95 6.33 -7.07 -3.83
C ILE A 95 5.39 -7.30 -5.00
N LYS A 96 4.61 -6.30 -5.41
CA LYS A 96 3.71 -6.49 -6.55
C LYS A 96 4.02 -5.55 -7.69
N ASN A 97 3.73 -4.26 -7.57
CA ASN A 97 3.84 -3.36 -8.72
C ASN A 97 4.86 -2.26 -8.48
N GLU A 98 5.54 -2.30 -7.35
CA GLU A 98 6.66 -1.41 -7.09
C GLU A 98 7.92 -2.24 -7.13
N THR A 99 9.04 -1.62 -7.46
CA THR A 99 10.30 -2.31 -7.48
C THR A 99 10.79 -2.55 -6.06
N PRO A 100 11.65 -3.56 -5.89
CA PRO A 100 12.19 -3.82 -4.56
C PRO A 100 12.85 -2.59 -3.94
N ASP A 101 13.68 -1.88 -4.72
CA ASP A 101 14.38 -0.70 -4.19
C ASP A 101 13.38 0.36 -3.70
N ALA A 102 12.32 0.60 -4.48
CA ALA A 102 11.30 1.56 -4.05
C ALA A 102 10.60 1.09 -2.77
N THR A 103 10.32 -0.21 -2.68
CA THR A 103 9.69 -0.76 -1.47
C THR A 103 10.53 -0.48 -0.24
N ILE A 104 11.85 -0.71 -0.33
CA ILE A 104 12.69 -0.51 0.84
C ILE A 104 12.90 0.98 1.12
N LEU A 105 12.95 1.79 0.06
CA LEU A 105 13.14 3.22 0.27
C LEU A 105 11.96 3.84 1.01
N LYS A 106 10.74 3.30 0.86
CA LYS A 106 9.64 3.82 1.68
C LYS A 106 9.98 3.79 3.17
N PHE A 107 10.45 2.63 3.67
CA PHE A 107 10.86 2.54 5.07
C PHE A 107 12.03 3.48 5.38
N ILE A 108 13.02 3.52 4.49
CA ILE A 108 14.19 4.37 4.73
C ILE A 108 13.75 5.83 4.92
N ARG A 109 12.99 6.37 3.98
CA ARG A 109 12.58 7.76 4.12
C ARG A 109 11.69 7.94 5.34
N ALA A 110 10.83 6.95 5.62
CA ALA A 110 9.98 7.03 6.81
C ALA A 110 10.80 7.15 8.09
N ARG A 111 12.03 6.62 8.11
CA ARG A 111 12.90 6.71 9.27
C ARG A 111 14.09 7.64 9.04
N LYS A 112 13.89 8.64 8.17
CA LYS A 112 14.82 9.76 8.02
C LYS A 112 16.25 9.28 7.70
N TRP A 113 16.34 8.20 6.92
CA TRP A 113 17.60 7.68 6.39
C TRP A 113 18.50 7.08 7.47
N ASN A 114 17.95 6.66 8.61
CA ASN A 114 18.72 6.06 9.70
C ASN A 114 18.63 4.54 9.61
N ALA A 115 19.76 3.90 9.28
CA ALA A 115 19.74 2.48 8.95
C ALA A 115 19.16 1.63 10.07
N ASP A 116 19.56 1.90 11.31
CA ASP A 116 19.08 1.08 12.41
C ASP A 116 17.59 1.29 12.63
N LYS A 117 17.15 2.55 12.61
CA LYS A 117 15.73 2.87 12.69
C LYS A 117 14.94 2.21 11.56
N THR A 118 15.49 2.27 10.33
CA THR A 118 14.84 1.69 9.17
C THR A 118 14.67 0.18 9.33
N ILE A 119 15.73 -0.51 9.75
CA ILE A 119 15.65 -1.96 9.85
C ILE A 119 14.77 -2.36 11.00
N ALA A 120 14.72 -1.54 12.05
CA ALA A 120 13.78 -1.82 13.12
C ALA A 120 12.35 -1.77 12.60
N MET A 121 11.99 -0.68 11.91
CA MET A 121 10.64 -0.57 11.34
C MET A 121 10.35 -1.72 10.35
N LEU A 122 11.33 -2.08 9.54
CA LEU A 122 11.07 -3.12 8.54
C LEU A 122 10.89 -4.48 9.18
N GLY A 123 11.71 -4.80 10.19
CA GLY A 123 11.51 -6.04 10.92
C GLY A 123 10.16 -6.09 11.63
N HIS A 124 9.75 -4.96 12.22
CA HIS A 124 8.44 -4.89 12.86
C HIS A 124 7.33 -5.18 11.85
N ASP A 125 7.40 -4.56 10.67
CA ASP A 125 6.40 -4.82 9.64
C ASP A 125 6.43 -6.29 9.19
N LEU A 126 7.63 -6.83 8.94
CA LEU A 126 7.72 -8.22 8.55
C LEU A 126 7.11 -9.14 9.60
N TYR A 127 7.27 -8.80 10.88
CA TYR A 127 6.69 -9.61 11.95
C TYR A 127 5.16 -9.54 11.92
N TRP A 128 4.60 -8.35 11.74
CA TRP A 128 3.16 -8.17 11.88
C TRP A 128 2.36 -8.61 10.67
N ARG A 129 2.93 -8.36 9.49
CA ARG A 129 2.29 -8.56 8.17
C ARG A 129 2.12 -10.05 7.86
N LYS A 130 3.24 -10.77 7.92
CA LYS A 130 3.54 -12.13 7.39
C LYS A 130 2.49 -12.57 6.39
N ASP A 131 1.25 -13.05 6.56
CA ASP A 131 0.43 -13.60 5.47
C ASP A 131 -1.00 -13.10 5.48
N THR A 132 -1.37 -12.24 6.44
CA THR A 132 -2.75 -11.83 6.58
C THR A 132 -3.18 -10.98 5.40
N ILE A 133 -2.49 -9.86 5.19
CA ILE A 133 -2.92 -8.88 4.20
C ILE A 133 -2.99 -9.51 2.82
N ASN A 134 -2.00 -10.33 2.47
CA ASN A 134 -2.00 -10.91 1.14
C ASN A 134 -3.24 -11.75 0.93
N LYS A 135 -3.62 -12.52 1.95
CA LYS A 135 -4.85 -13.31 1.87
C LYS A 135 -6.06 -12.41 1.73
N ILE A 136 -6.11 -11.30 2.47
CA ILE A 136 -7.24 -10.39 2.34
C ILE A 136 -7.39 -9.90 0.89
N ILE A 137 -6.30 -9.36 0.34
CA ILE A 137 -6.43 -8.72 -0.97
C ILE A 137 -6.67 -9.76 -2.06
N ASN A 138 -6.09 -10.96 -1.91
CA ASN A 138 -6.26 -11.97 -2.94
C ASN A 138 -7.66 -12.59 -2.88
N GLY A 139 -8.23 -12.71 -1.67
CA GLY A 139 -9.60 -13.19 -1.58
C GLY A 139 -10.60 -12.18 -2.11
N GLY A 140 -10.29 -10.88 -1.97
CA GLY A 140 -11.20 -9.87 -2.48
C GLY A 140 -12.55 -9.83 -1.75
N GLU A 141 -13.47 -9.05 -2.33
CA GLU A 141 -14.83 -9.00 -1.82
C GLU A 141 -15.48 -10.37 -1.88
N ARG A 142 -15.15 -11.14 -2.92
CA ARG A 142 -15.74 -12.45 -3.11
C ARG A 142 -15.53 -13.32 -1.88
N ALA A 143 -14.29 -13.36 -1.35
CA ALA A 143 -14.06 -14.20 -0.18
C ALA A 143 -14.88 -13.72 1.03
N VAL A 144 -15.01 -12.40 1.19
CA VAL A 144 -15.77 -11.83 2.30
C VAL A 144 -17.24 -12.25 2.22
N TYR A 145 -17.82 -12.16 1.02
CA TYR A 145 -19.19 -12.63 0.84
C TYR A 145 -19.30 -14.12 1.11
N GLU A 146 -18.41 -14.91 0.52
CA GLU A 146 -18.54 -16.36 0.64
C GLU A 146 -18.43 -16.81 2.09
N ASN A 147 -17.61 -16.13 2.88
CA ASN A 147 -17.45 -16.45 4.29
C ASN A 147 -18.44 -15.71 5.17
N ASN A 148 -19.40 -15.00 4.59
CA ASN A 148 -20.38 -14.23 5.33
C ASN A 148 -19.75 -13.48 6.51
N GLU A 149 -18.84 -12.55 6.19
CA GLU A 149 -18.26 -11.65 7.20
C GLU A 149 -19.16 -10.41 7.24
N THR A 150 -20.19 -10.49 8.07
CA THR A 150 -21.34 -9.58 8.09
C THR A 150 -20.92 -8.12 8.15
N GLY A 151 -20.03 -7.81 9.10
CA GLY A 151 -19.60 -6.43 9.29
C GLY A 151 -18.77 -5.90 8.14
N VAL A 152 -17.87 -6.73 7.60
CA VAL A 152 -17.14 -6.30 6.42
C VAL A 152 -18.12 -6.06 5.28
N ILE A 153 -19.03 -7.03 5.05
CA ILE A 153 -20.03 -6.89 3.99
C ILE A 153 -20.78 -5.57 4.12
N LYS A 154 -21.24 -5.27 5.34
CA LYS A 154 -21.95 -4.02 5.58
C LYS A 154 -21.10 -2.82 5.17
N ASN A 155 -19.83 -2.83 5.55
CA ASN A 155 -18.98 -1.71 5.15
C ASN A 155 -18.83 -1.60 3.63
N LEU A 156 -18.62 -2.72 2.94
CA LEU A 156 -18.57 -2.70 1.48
C LEU A 156 -19.86 -2.13 0.90
N GLU A 157 -21.01 -2.63 1.36
CA GLU A 157 -22.28 -2.25 0.75
C GLU A 157 -22.65 -0.78 0.99
N LEU A 158 -22.27 -0.24 2.16
CA LEU A 158 -22.46 1.19 2.38
C LEU A 158 -21.54 2.03 1.51
N GLN A 159 -20.54 1.43 0.86
CA GLN A 159 -19.51 2.22 0.20
C GLN A 159 -19.02 3.33 1.16
N LYS A 160 -18.72 2.94 2.39
CA LYS A 160 -18.19 3.88 3.37
C LYS A 160 -16.87 4.47 2.89
N ALA A 161 -16.04 3.65 2.25
CA ALA A 161 -14.74 4.05 1.74
C ALA A 161 -14.56 3.38 0.39
N THR A 162 -14.43 4.17 -0.67
CA THR A 162 -14.31 3.64 -2.03
C THR A 162 -13.18 4.35 -2.77
N ILE A 163 -12.53 3.62 -3.67
CA ILE A 163 -11.55 4.25 -4.56
C ILE A 163 -12.31 4.88 -5.71
N GLN A 164 -12.18 6.21 -5.88
CA GLN A 164 -13.04 6.93 -6.81
C GLN A 164 -12.27 7.63 -7.92
N GLY A 165 -11.03 7.23 -8.18
CA GLY A 165 -10.30 7.86 -9.27
C GLY A 165 -8.89 8.20 -8.86
N TYR A 166 -8.32 9.24 -9.47
CA TYR A 166 -6.95 9.63 -9.24
C TYR A 166 -6.89 11.11 -8.90
N ASP A 167 -5.89 11.52 -8.12
CA ASP A 167 -5.71 12.94 -7.86
C ASP A 167 -4.83 13.56 -8.96
N ASN A 168 -4.53 14.86 -8.81
CA ASN A 168 -3.82 15.61 -9.86
C ASN A 168 -2.42 15.07 -10.14
N ASP A 169 -1.81 14.39 -9.16
CA ASP A 169 -0.50 13.77 -9.30
C ASP A 169 -0.61 12.30 -9.68
N MET A 170 -1.78 11.82 -10.10
CA MET A 170 -1.99 10.41 -10.43
C MET A 170 -1.90 9.51 -9.20
N ARG A 171 -2.26 10.02 -8.01
CA ARG A 171 -2.48 9.09 -6.91
C ARG A 171 -3.93 8.61 -6.89
N PRO A 172 -4.16 7.35 -6.49
CA PRO A 172 -5.54 6.91 -6.26
C PRO A 172 -6.16 7.69 -5.11
N VAL A 173 -7.44 8.00 -5.25
CA VAL A 173 -8.20 8.75 -4.26
C VAL A 173 -9.20 7.79 -3.62
N ILE A 174 -9.09 7.62 -2.30
CA ILE A 174 -10.11 6.92 -1.52
C ILE A 174 -11.08 7.98 -1.00
N LEU A 175 -12.35 7.86 -1.37
CA LEU A 175 -13.40 8.74 -0.82
C LEU A 175 -13.96 8.09 0.45
N VAL A 176 -13.90 8.79 1.59
CA VAL A 176 -14.44 8.28 2.85
C VAL A 176 -15.63 9.15 3.31
N ARG A 177 -16.76 8.52 3.64
CA ARG A 177 -17.97 9.23 4.02
C ARG A 177 -18.40 8.85 5.44
N PRO A 178 -17.85 9.52 6.46
CA PRO A 178 -18.10 9.11 7.85
C PRO A 178 -19.54 9.26 8.30
N ARG A 179 -20.37 10.02 7.59
CA ARG A 179 -21.78 10.07 8.00
C ARG A 179 -22.47 8.72 7.85
N LEU A 180 -21.86 7.78 7.14
CA LEU A 180 -22.48 6.48 7.12
C LEU A 180 -21.85 5.51 8.10
N HIS A 181 -21.05 6.01 9.04
CA HIS A 181 -20.43 5.13 10.02
C HIS A 181 -21.26 5.01 11.28
N HIS A 182 -21.36 3.77 11.77
CA HIS A 182 -21.93 3.50 13.08
C HIS A 182 -21.13 2.39 13.75
N SER A 183 -20.64 2.63 14.96
CA SER A 183 -19.91 1.54 15.61
C SER A 183 -20.76 0.27 15.69
N SER A 184 -22.08 0.36 15.62
CA SER A 184 -23.05 -0.70 15.68
C SER A 184 -22.99 -1.66 14.49
N ASP A 185 -22.29 -1.29 13.40
CA ASP A 185 -22.39 -2.02 12.14
C ASP A 185 -21.38 -3.13 12.03
N GLN A 186 -20.34 -3.17 12.86
CA GLN A 186 -19.30 -4.14 12.65
C GLN A 186 -18.47 -4.21 13.92
N THR A 187 -17.78 -5.33 14.13
CA THR A 187 -16.69 -5.47 15.09
C THR A 187 -15.62 -4.43 14.79
N GLU A 188 -14.73 -4.16 15.76
CA GLU A 188 -13.56 -3.37 15.43
C GLU A 188 -12.59 -4.16 14.56
N GLN A 189 -12.50 -5.49 14.77
CA GLN A 189 -11.70 -6.32 13.87
C GLN A 189 -12.23 -6.26 12.43
N GLU A 190 -13.57 -6.27 12.29
CA GLU A 190 -14.17 -6.16 10.97
C GLU A 190 -13.83 -4.83 10.31
N LEU A 191 -13.98 -3.73 11.05
CA LEU A 191 -13.65 -2.43 10.48
C LEU A 191 -12.19 -2.38 10.07
N GLU A 192 -11.32 -3.01 10.86
CA GLU A 192 -9.91 -3.01 10.50
C GLU A 192 -9.65 -3.85 9.26
N LYS A 193 -10.24 -5.03 9.17
CA LYS A 193 -10.04 -5.86 7.97
C LYS A 193 -10.55 -5.14 6.73
N PHE A 194 -11.72 -4.49 6.83
CA PHE A 194 -12.23 -3.64 5.76
C PHE A 194 -11.23 -2.54 5.39
N SER A 195 -10.62 -1.91 6.40
CA SER A 195 -9.66 -0.84 6.17
C SER A 195 -8.49 -1.35 5.35
N LEU A 196 -7.97 -2.48 5.83
CA LEU A 196 -6.81 -3.10 5.20
C LEU A 196 -7.10 -3.48 3.76
N LEU A 197 -8.32 -3.96 3.51
CA LEU A 197 -8.69 -4.34 2.16
C LEU A 197 -8.75 -3.12 1.25
N VAL A 198 -9.36 -2.03 1.72
CA VAL A 198 -9.43 -0.85 0.85
C VAL A 198 -8.04 -0.26 0.61
N ILE A 199 -7.17 -0.25 1.64
CA ILE A 199 -5.83 0.30 1.44
C ILE A 199 -5.04 -0.53 0.44
N GLU A 200 -5.15 -1.87 0.51
CA GLU A 200 -4.40 -2.71 -0.45
C GLU A 200 -4.99 -2.55 -1.85
N GLN A 201 -6.32 -2.44 -1.94
CA GLN A 201 -6.92 -2.18 -3.24
C GLN A 201 -6.28 -0.94 -3.86
N SER A 202 -6.17 0.15 -3.08
CA SER A 202 -5.58 1.42 -3.53
C SER A 202 -4.18 1.20 -4.05
N LYS A 203 -3.45 0.30 -3.36
CA LYS A 203 -2.08 0.04 -3.82
C LYS A 203 -2.07 -0.53 -5.24
N LEU A 204 -3.08 -1.31 -5.60
CA LEU A 204 -3.12 -1.85 -6.96
C LEU A 204 -3.26 -0.76 -8.03
N PHE A 205 -3.76 0.43 -7.68
CA PHE A 205 -3.89 1.56 -8.63
C PHE A 205 -2.59 2.34 -8.88
N PHE A 206 -1.56 2.16 -8.06
CA PHE A 206 -0.31 2.91 -8.23
C PHE A 206 0.16 2.84 -9.68
N LYS A 207 0.58 3.97 -10.24
CA LYS A 207 1.00 4.09 -11.62
C LYS A 207 2.51 4.21 -11.71
N GLU A 208 3.10 3.50 -12.67
CA GLU A 208 4.54 3.61 -12.87
C GLU A 208 4.94 5.04 -13.22
N ASN A 209 6.03 5.49 -12.65
CA ASN A 209 6.53 6.85 -12.82
C ASN A 209 5.74 7.86 -12.01
N TYR A 210 4.79 7.45 -11.16
CA TYR A 210 4.04 8.40 -10.35
C TYR A 210 4.06 7.98 -8.89
N PRO A 211 3.73 8.89 -7.98
CA PRO A 211 3.83 8.56 -6.55
C PRO A 211 3.08 7.28 -6.20
N ALA A 212 3.78 6.43 -5.45
CA ALA A 212 3.22 5.22 -4.89
C ALA A 212 2.60 5.56 -3.53
N SER A 213 1.48 6.28 -3.58
CA SER A 213 0.82 6.80 -2.39
C SER A 213 -0.65 7.06 -2.72
N THR A 214 -1.46 7.20 -1.68
CA THR A 214 -2.92 7.28 -1.79
C THR A 214 -3.38 8.59 -1.21
N THR A 215 -4.22 9.31 -1.94
CA THR A 215 -4.85 10.50 -1.40
C THR A 215 -6.18 10.10 -0.76
N ILE A 216 -6.52 10.73 0.37
CA ILE A 216 -7.75 10.37 1.10
C ILE A 216 -8.65 11.58 1.25
N LEU A 217 -9.88 11.46 0.76
CA LEU A 217 -10.87 12.52 0.84
C LEU A 217 -11.92 12.14 1.88
N PHE A 218 -11.84 12.78 3.05
CA PHE A 218 -12.84 12.63 4.12
C PHE A 218 -13.90 13.69 3.91
N ASP A 219 -15.05 13.28 3.38
CA ASP A 219 -16.21 14.15 3.21
C ASP A 219 -17.01 14.08 4.51
N LEU A 220 -16.94 15.14 5.33
CA LEU A 220 -17.64 15.19 6.61
C LEU A 220 -19.01 15.85 6.52
N ASN A 221 -19.51 16.12 5.31
CA ASN A 221 -20.90 16.52 5.13
C ASN A 221 -21.80 15.64 5.99
N GLY A 222 -22.70 16.26 6.72
CA GLY A 222 -23.64 15.47 7.50
C GLY A 222 -23.03 14.59 8.56
N PHE A 223 -21.71 14.67 8.80
CA PHE A 223 -21.12 13.94 9.92
C PHE A 223 -21.68 14.44 11.24
N SER A 224 -22.01 13.53 12.16
CA SER A 224 -22.44 13.90 13.51
C SER A 224 -21.76 12.96 14.52
N MET A 225 -21.92 13.26 15.81
CA MET A 225 -21.22 12.48 16.83
C MET A 225 -21.75 11.05 16.94
N SER A 226 -22.98 10.79 16.47
CA SER A 226 -23.54 9.47 16.26
C SER A 226 -22.60 8.61 15.42
N ASN A 227 -21.88 9.29 14.51
CA ASN A 227 -20.96 8.64 13.58
C ASN A 227 -19.54 8.51 14.12
N MET A 228 -19.22 9.10 15.26
CA MET A 228 -17.84 9.22 15.73
C MET A 228 -17.40 7.94 16.42
N ASP A 229 -16.13 7.57 16.27
CA ASP A 229 -15.61 6.36 16.89
C ASP A 229 -14.10 6.51 17.08
N TYR A 230 -13.68 6.85 18.29
CA TYR A 230 -12.25 7.16 18.48
C TYR A 230 -11.35 5.94 18.30
N ALA A 231 -11.85 4.74 18.66
CA ALA A 231 -11.00 3.55 18.60
C ALA A 231 -10.46 3.32 17.20
N PRO A 232 -11.30 3.16 16.16
CA PRO A 232 -10.77 2.96 14.81
C PRO A 232 -9.92 4.12 14.32
N VAL A 233 -10.21 5.35 14.77
CA VAL A 233 -9.35 6.50 14.45
C VAL A 233 -7.91 6.17 14.81
N LYS A 234 -7.73 5.86 16.10
CA LYS A 234 -6.39 5.61 16.61
C LYS A 234 -5.77 4.33 16.02
N PHE A 235 -6.59 3.32 15.76
CA PHE A 235 -6.08 2.13 15.06
C PHE A 235 -5.49 2.51 13.72
N LEU A 236 -6.30 3.17 12.89
CA LEU A 236 -5.84 3.51 11.55
C LEU A 236 -4.57 4.35 11.62
N ILE A 237 -4.49 5.26 12.57
CA ILE A 237 -3.30 6.08 12.70
C ILE A 237 -2.08 5.20 12.99
N THR A 238 -2.13 4.42 14.08
CA THR A 238 -0.88 3.73 14.41
C THR A 238 -0.56 2.62 13.40
N CYS A 239 -1.54 1.88 12.89
CA CYS A 239 -1.25 0.84 11.90
C CYS A 239 -0.72 1.43 10.59
N PHE A 240 -1.31 2.53 10.10
CA PHE A 240 -0.81 3.15 8.89
C PHE A 240 0.59 3.69 9.08
N GLU A 241 0.88 4.25 10.26
CA GLU A 241 2.21 4.81 10.51
C GLU A 241 3.27 3.71 10.56
N ALA A 242 2.93 2.57 11.16
CA ALA A 242 3.93 1.51 11.31
C ALA A 242 4.04 0.62 10.09
N HIS A 243 2.99 0.48 9.29
CA HIS A 243 2.95 -0.55 8.28
C HIS A 243 2.76 -0.07 6.84
N TYR A 244 2.40 1.19 6.62
CA TYR A 244 2.35 1.75 5.27
C TYR A 244 3.17 3.04 5.21
N PRO A 245 4.48 2.94 5.45
CA PRO A 245 5.32 4.14 5.42
C PRO A 245 5.28 4.82 4.05
N GLU A 246 5.26 6.15 4.08
CA GLU A 246 5.37 6.96 2.87
C GLU A 246 4.31 6.61 1.83
N SER A 247 3.12 6.22 2.30
CA SER A 247 2.04 5.77 1.43
C SER A 247 0.86 6.72 1.45
N LEU A 248 0.98 7.86 2.11
CA LEU A 248 -0.10 8.81 2.29
C LEU A 248 0.19 10.02 1.39
N GLY A 249 -0.73 10.35 0.48
CA GLY A 249 -0.39 11.50 -0.36
C GLY A 249 -0.89 12.84 0.15
N HIS A 250 -2.20 13.03 0.06
CA HIS A 250 -2.89 14.23 0.53
C HIS A 250 -3.99 13.73 1.43
N LEU A 251 -4.24 14.44 2.51
CA LEU A 251 -5.37 14.07 3.35
C LEU A 251 -6.27 15.29 3.40
N LEU A 252 -7.40 15.16 2.69
CA LEU A 252 -8.35 16.26 2.52
C LEU A 252 -9.52 16.07 3.47
N ILE A 253 -9.74 17.04 4.36
CA ILE A 253 -10.88 17.03 5.26
C ILE A 253 -11.83 18.10 4.76
N HIS A 254 -12.98 17.66 4.24
CA HIS A 254 -13.90 18.46 3.43
C HIS A 254 -15.18 18.78 4.20
N LYS A 255 -15.51 20.08 4.30
CA LYS A 255 -16.77 20.51 4.91
C LYS A 255 -16.93 19.99 6.34
N ALA A 256 -15.85 20.11 7.12
CA ALA A 256 -15.90 19.71 8.51
C ALA A 256 -16.94 20.56 9.24
N PRO A 257 -17.88 19.95 9.95
CA PRO A 257 -18.82 20.73 10.75
C PRO A 257 -18.19 21.20 12.06
N TRP A 258 -18.92 22.08 12.76
CA TRP A 258 -18.36 22.67 13.98
C TRP A 258 -18.09 21.61 15.04
N ILE A 259 -18.96 20.61 15.15
CA ILE A 259 -18.72 19.55 16.12
C ILE A 259 -17.40 18.85 15.88
N PHE A 260 -16.76 19.08 14.72
CA PHE A 260 -15.48 18.42 14.47
C PHE A 260 -14.30 19.12 15.12
N ASN A 261 -14.42 20.41 15.49
CA ASN A 261 -13.23 21.07 16.04
C ASN A 261 -12.66 20.33 17.24
N PRO A 262 -13.44 19.96 18.26
CA PRO A 262 -12.85 19.22 19.40
C PRO A 262 -12.29 17.86 19.01
N ILE A 263 -13.00 17.11 18.14
CA ILE A 263 -12.44 15.87 17.58
C ILE A 263 -11.05 16.13 17.02
N TRP A 264 -10.93 17.17 16.18
CA TRP A 264 -9.65 17.50 15.56
C TRP A 264 -8.59 17.76 16.61
N ASN A 265 -8.97 18.44 17.71
CA ASN A 265 -7.96 18.74 18.72
C ASN A 265 -7.36 17.47 19.30
N ILE A 266 -8.13 16.39 19.34
CA ILE A 266 -7.58 15.12 19.77
C ILE A 266 -6.74 14.50 18.66
N ILE A 267 -7.28 14.47 17.44
CA ILE A 267 -6.64 13.67 16.40
C ILE A 267 -5.29 14.26 16.05
N LYS A 268 -5.18 15.59 16.02
CA LYS A 268 -3.92 16.24 15.67
C LYS A 268 -2.81 15.93 16.66
N ASN A 269 -3.15 15.58 17.90
CA ASN A 269 -2.13 15.21 18.86
C ASN A 269 -1.74 13.74 18.77
N TRP A 270 -2.50 12.93 18.04
CA TRP A 270 -2.08 11.57 17.75
C TRP A 270 -1.28 11.48 16.47
N LEU A 271 -1.38 12.47 15.61
CA LEU A 271 -0.77 12.43 14.30
C LEU A 271 0.69 12.80 14.38
N ASP A 272 1.50 12.08 13.62
CA ASP A 272 2.86 12.52 13.37
C ASP A 272 2.81 13.86 12.62
N PRO A 273 3.82 14.70 12.79
CA PRO A 273 3.87 15.94 11.98
C PRO A 273 3.91 15.71 10.46
N VAL A 274 4.52 14.63 9.96
CA VAL A 274 4.50 14.34 8.52
C VAL A 274 3.05 14.37 8.03
N VAL A 275 2.27 13.46 8.61
CA VAL A 275 0.86 13.43 8.21
C VAL A 275 0.17 14.75 8.54
N ALA A 276 0.40 15.35 9.71
CA ALA A 276 -0.35 16.55 10.05
C ALA A 276 -0.13 17.68 9.05
N SER A 277 0.96 17.62 8.27
CA SER A 277 0.61 18.57 7.21
C SER A 277 0.72 17.99 5.81
N LYS A 278 0.44 16.70 5.70
CA LYS A 278 -0.36 16.25 4.55
C LYS A 278 -1.83 16.71 4.60
N ILE A 279 -2.31 17.42 5.65
CA ILE A 279 -3.74 17.65 5.88
C ILE A 279 -4.16 19.05 5.44
N VAL A 280 -5.22 19.12 4.64
CA VAL A 280 -5.79 20.40 4.23
C VAL A 280 -7.31 20.33 4.36
N PHE A 281 -7.88 21.40 4.94
CA PHE A 281 -9.33 21.52 5.09
C PHE A 281 -9.89 22.24 3.85
N THR A 282 -10.83 21.59 3.18
CA THR A 282 -11.45 22.13 1.99
C THR A 282 -12.90 22.45 2.32
N LYS A 283 -13.43 23.48 1.64
CA LYS A 283 -14.78 24.00 1.87
C LYS A 283 -15.71 23.90 0.67
N ASN A 284 -15.18 23.81 -0.55
CA ASN A 284 -16.03 23.94 -1.73
C ASN A 284 -15.34 23.22 -2.88
N ILE A 285 -16.02 23.21 -4.03
CA ILE A 285 -15.51 22.50 -5.21
C ILE A 285 -14.26 23.17 -5.74
N ASP A 286 -14.10 24.47 -5.51
CA ASP A 286 -12.93 25.15 -6.08
C ASP A 286 -11.67 24.74 -5.34
N GLU A 287 -11.77 24.54 -4.02
CA GLU A 287 -10.65 24.02 -3.25
C GLU A 287 -10.31 22.60 -3.67
N LEU A 288 -11.33 21.74 -3.86
CA LEU A 288 -11.08 20.37 -4.30
C LEU A 288 -10.41 20.34 -5.68
N HIS A 289 -10.70 21.33 -6.53
CA HIS A 289 -10.08 21.38 -7.84
C HIS A 289 -8.55 21.52 -7.76
N LYS A 290 -8.05 22.16 -6.70
CA LYS A 290 -6.61 22.25 -6.56
C LYS A 290 -5.96 20.88 -6.38
N PHE A 291 -6.72 19.86 -5.98
CA PHE A 291 -6.18 18.54 -5.69
C PHE A 291 -6.62 17.42 -6.64
N ILE A 292 -7.82 17.51 -7.21
CA ILE A 292 -8.40 16.43 -8.02
C ILE A 292 -9.15 17.04 -9.20
N GLN A 293 -9.07 16.38 -10.36
CA GLN A 293 -9.77 16.90 -11.52
C GLN A 293 -11.26 16.56 -11.43
N PRO A 294 -12.11 17.40 -12.04
CA PRO A 294 -13.56 17.19 -11.89
C PRO A 294 -14.02 15.81 -12.35
N GLN A 295 -13.34 15.17 -13.30
CA GLN A 295 -13.84 13.89 -13.80
C GLN A 295 -13.80 12.79 -12.72
N TYR A 296 -13.01 12.97 -11.66
CA TYR A 296 -12.91 12.00 -10.57
C TYR A 296 -13.66 12.45 -9.31
N ILE A 297 -14.03 13.71 -9.20
CA ILE A 297 -14.74 14.21 -8.02
C ILE A 297 -16.22 13.84 -8.12
N PRO A 298 -16.79 13.20 -7.11
CA PRO A 298 -18.20 12.79 -7.17
C PRO A 298 -19.11 13.96 -7.51
N ARG A 299 -20.10 13.67 -8.37
CA ARG A 299 -21.09 14.68 -8.78
C ARG A 299 -21.69 15.41 -7.60
N TYR A 300 -22.10 14.68 -6.56
CA TYR A 300 -22.75 15.32 -5.42
C TYR A 300 -21.82 16.31 -4.71
N LEU A 301 -20.51 16.23 -4.94
CA LEU A 301 -19.59 17.20 -4.36
C LEU A 301 -19.35 18.40 -5.27
N GLY A 302 -19.98 18.42 -6.45
CA GLY A 302 -19.69 19.43 -7.45
C GLY A 302 -18.86 18.91 -8.61
N GLY A 303 -18.41 17.65 -8.58
CA GLY A 303 -17.59 17.07 -9.63
C GLY A 303 -18.42 16.44 -10.74
N GLU A 304 -17.75 15.62 -11.55
CA GLU A 304 -18.39 15.05 -12.74
C GLU A 304 -18.49 13.54 -12.71
N ASN A 305 -17.96 12.88 -11.67
CA ASN A 305 -17.99 11.43 -11.53
C ASN A 305 -19.38 10.99 -11.08
N ASP A 306 -20.09 10.25 -11.94
CA ASP A 306 -21.46 9.85 -11.68
C ASP A 306 -21.56 8.43 -11.14
N ASN A 307 -20.45 7.87 -10.68
CA ASN A 307 -20.50 6.59 -9.99
C ASN A 307 -21.63 6.60 -8.97
N ASP A 308 -22.30 5.44 -8.85
CA ASP A 308 -23.44 5.32 -7.97
C ASP A 308 -22.92 5.00 -6.57
N LEU A 309 -22.96 6.02 -5.73
CA LEU A 309 -22.51 5.89 -4.36
C LEU A 309 -23.62 5.51 -3.37
N ASP A 310 -24.85 5.36 -3.81
CA ASP A 310 -25.87 4.88 -2.87
C ASP A 310 -26.27 3.43 -3.07
N HIS A 311 -25.83 2.78 -4.15
CA HIS A 311 -26.09 1.36 -4.38
C HIS A 311 -24.81 0.66 -4.81
N TYR A 312 -24.45 -0.42 -4.11
CA TYR A 312 -23.23 -1.17 -4.36
C TYR A 312 -23.47 -2.34 -5.31
N THR A 313 -22.51 -2.57 -6.19
CA THR A 313 -22.52 -3.74 -7.08
C THR A 313 -21.32 -4.60 -6.74
N PRO A 314 -21.50 -5.69 -6.00
CA PRO A 314 -20.37 -6.53 -5.61
C PRO A 314 -19.85 -7.33 -6.80
N PRO A 315 -18.59 -7.76 -6.77
CA PRO A 315 -18.06 -8.58 -7.86
C PRO A 315 -18.91 -9.83 -8.07
N ASP A 316 -19.27 -10.10 -9.33
CA ASP A 316 -20.07 -11.29 -9.60
C ASP A 316 -19.21 -12.52 -9.85
N GLY A 317 -17.88 -12.36 -9.91
CA GLY A 317 -16.98 -13.46 -10.13
C GLY A 317 -16.75 -13.82 -11.57
N SER A 318 -17.42 -13.13 -12.52
CA SER A 318 -17.35 -13.35 -13.96
C SER A 318 -15.91 -13.33 -14.48
N LEU A 319 -15.06 -12.52 -13.85
CA LEU A 319 -13.72 -12.33 -14.37
C LEU A 319 -12.66 -13.17 -13.67
N ASP A 320 -13.06 -14.19 -12.90
CA ASP A 320 -12.10 -14.94 -12.09
C ASP A 320 -11.75 -16.30 -12.70
N VAL A 321 -11.79 -16.42 -14.02
CA VAL A 321 -11.62 -17.76 -14.62
C VAL A 321 -10.18 -18.24 -14.53
N HIS A 322 -9.21 -17.35 -14.35
CA HIS A 322 -7.84 -17.83 -14.28
C HIS A 322 -7.49 -18.35 -12.89
N LEU A 323 -8.40 -18.20 -11.93
CA LEU A 323 -8.07 -18.59 -10.56
C LEU A 323 -7.91 -20.10 -10.41
N LYS A 324 -8.48 -20.89 -11.31
CA LYS A 324 -8.31 -22.34 -11.22
C LYS A 324 -7.43 -22.90 -12.33
N ASP A 325 -6.74 -22.05 -13.07
CA ASP A 325 -5.71 -22.75 -13.86
C ASP A 325 -4.37 -22.59 -13.14
N THR A 326 -4.32 -23.56 -12.23
CA THR A 326 -3.22 -23.68 -11.28
C THR A 326 -1.91 -24.09 -11.94
N GLU A 327 -1.98 -24.75 -13.10
CA GLU A 327 -0.79 -25.14 -13.83
C GLU A 327 -0.05 -23.92 -14.36
N THR A 328 -0.77 -23.05 -15.07
CA THR A 328 -0.18 -21.80 -15.55
C THR A 328 0.34 -20.97 -14.40
N ARG A 329 -0.47 -20.86 -13.34
CA ARG A 329 -0.04 -20.10 -12.17
C ARG A 329 1.27 -20.62 -11.63
N ALA A 330 1.43 -21.95 -11.52
CA ALA A 330 2.69 -22.51 -11.05
C ALA A 330 3.83 -22.13 -11.97
N MET A 331 3.59 -22.16 -13.29
CA MET A 331 4.67 -21.76 -14.19
C MET A 331 5.06 -20.30 -13.99
N ILE A 332 4.07 -19.42 -13.78
CA ILE A 332 4.37 -18.00 -13.55
C ILE A 332 5.15 -17.82 -12.24
N GLU A 333 4.79 -18.60 -11.22
CA GLU A 333 5.50 -18.51 -9.94
C GLU A 333 6.91 -19.08 -10.04
N LYS A 334 7.13 -20.07 -10.90
CA LYS A 334 8.49 -20.54 -11.15
C LYS A 334 9.30 -19.45 -11.84
N GLU A 335 8.69 -18.76 -12.80
CA GLU A 335 9.35 -17.60 -13.41
C GLU A 335 9.75 -16.59 -12.35
N ARG A 336 8.81 -16.21 -11.48
CA ARG A 336 9.09 -15.25 -10.42
C ARG A 336 10.27 -15.71 -9.56
N GLU A 337 10.23 -16.95 -9.06
CA GLU A 337 11.33 -17.45 -8.23
C GLU A 337 12.66 -17.37 -8.95
N GLU A 338 12.70 -17.63 -10.26
CA GLU A 338 13.98 -17.49 -10.95
C GLU A 338 14.43 -16.03 -10.96
N LEU A 339 13.51 -15.11 -11.30
CA LEU A 339 13.86 -13.68 -11.30
C LEU A 339 14.31 -13.24 -9.90
N VAL A 340 13.67 -13.77 -8.86
CA VAL A 340 13.98 -13.37 -7.51
C VAL A 340 15.39 -13.79 -7.16
N GLU A 341 15.75 -15.05 -7.46
CA GLU A 341 17.13 -15.50 -7.21
C GLU A 341 18.13 -14.64 -7.99
N GLN A 342 17.86 -14.38 -9.26
CA GLN A 342 18.79 -13.54 -10.02
C GLN A 342 18.93 -12.17 -9.39
N PHE A 343 17.82 -11.56 -8.98
CA PHE A 343 17.87 -10.25 -8.37
C PHE A 343 18.71 -10.27 -7.10
N LEU A 344 18.61 -11.33 -6.30
CA LEU A 344 19.42 -11.41 -5.09
C LEU A 344 20.90 -11.48 -5.43
N THR A 345 21.25 -12.38 -6.34
CA THR A 345 22.64 -12.54 -6.76
C THR A 345 23.21 -11.20 -7.23
N VAL A 346 22.56 -10.59 -8.23
CA VAL A 346 23.05 -9.33 -8.76
C VAL A 346 23.11 -8.28 -7.67
N THR A 347 22.13 -8.27 -6.76
CA THR A 347 22.10 -7.23 -5.72
C THR A 347 23.30 -7.36 -4.77
N ALA A 348 23.62 -8.58 -4.37
CA ALA A 348 24.82 -8.81 -3.57
C ALA A 348 26.06 -8.35 -4.32
N GLN A 349 26.18 -8.76 -5.59
CA GLN A 349 27.28 -8.27 -6.43
C GLN A 349 27.41 -6.76 -6.30
N TRP A 350 26.33 -6.04 -6.60
CA TRP A 350 26.33 -4.59 -6.57
C TRP A 350 26.67 -4.04 -5.19
N ILE A 351 26.32 -4.77 -4.14
CA ILE A 351 26.66 -4.19 -2.85
C ILE A 351 28.17 -4.37 -2.58
N GLU A 352 28.83 -5.39 -3.11
CA GLU A 352 30.26 -5.51 -2.90
C GLU A 352 31.10 -4.74 -3.90
N HIS A 353 30.55 -4.31 -5.03
CA HIS A 353 31.38 -3.80 -6.11
C HIS A 353 32.02 -2.46 -5.78
N GLN A 354 33.28 -2.29 -6.17
CA GLN A 354 34.01 -1.05 -6.04
C GLN A 354 34.74 -0.77 -7.35
N PRO A 355 34.75 0.48 -7.85
CA PRO A 355 34.10 1.68 -7.32
C PRO A 355 32.75 1.97 -7.99
N LEU A 356 32.21 3.16 -7.74
CA LEU A 356 30.89 3.57 -8.22
C LEU A 356 30.91 4.20 -9.61
N ASN A 357 32.07 4.25 -10.26
CA ASN A 357 32.75 4.64 -11.49
C ASN A 357 32.65 3.55 -12.55
N ASP A 358 32.93 2.38 -11.98
CA ASP A 358 33.32 1.21 -12.74
C ASP A 358 32.33 0.98 -13.88
N PRO A 359 32.79 0.53 -15.05
CA PRO A 359 31.84 0.05 -16.06
C PRO A 359 31.07 -1.15 -15.56
N ALA A 360 31.73 -2.01 -14.78
CA ALA A 360 31.02 -3.09 -14.10
C ALA A 360 29.90 -2.54 -13.24
N TYR A 361 30.10 -1.37 -12.63
CA TYR A 361 29.06 -0.76 -11.81
C TYR A 361 27.87 -0.34 -12.66
N ILE A 362 28.12 0.27 -13.81
CA ILE A 362 27.14 0.61 -14.82
C ILE A 362 26.26 -0.60 -15.13
N GLN A 363 26.97 -1.69 -15.46
CA GLN A 363 26.28 -2.91 -15.85
C GLN A 363 25.44 -3.47 -14.70
N LEU A 364 26.00 -3.51 -13.47
CA LEU A 364 25.29 -4.06 -12.33
C LEU A 364 24.02 -3.27 -12.02
N GLN A 365 24.14 -1.94 -11.98
CA GLN A 365 22.96 -1.10 -11.79
C GLN A 365 21.91 -1.36 -12.86
N GLU A 366 22.34 -1.40 -14.13
CA GLU A 366 21.37 -1.60 -15.21
C GLU A 366 20.66 -2.94 -15.05
N LYS A 367 21.41 -3.96 -14.63
CA LYS A 367 20.82 -5.28 -14.44
C LYS A 367 19.79 -5.25 -13.31
N ARG A 368 20.12 -4.58 -12.21
CA ARG A 368 19.14 -4.47 -11.14
C ARG A 368 17.87 -3.80 -11.62
N VAL A 369 18.02 -2.75 -12.43
CA VAL A 369 16.82 -2.09 -12.97
C VAL A 369 16.03 -3.06 -13.85
N GLN A 370 16.73 -3.84 -14.69
CA GLN A 370 16.05 -4.73 -15.63
C GLN A 370 15.31 -5.85 -14.89
N LEU A 371 15.96 -6.44 -13.90
CA LEU A 371 15.30 -7.48 -13.11
C LEU A 371 14.15 -6.91 -12.30
N SER A 372 14.28 -5.66 -11.82
CA SER A 372 13.19 -4.99 -11.10
C SER A 372 11.95 -4.86 -11.99
N THR A 373 12.18 -4.36 -13.20
CA THR A 373 11.11 -4.26 -14.18
C THR A 373 10.50 -5.63 -14.46
N ALA A 374 11.35 -6.64 -14.67
CA ALA A 374 10.84 -7.97 -14.97
C ALA A 374 10.01 -8.54 -13.83
N LEU A 375 10.38 -8.22 -12.58
CA LEU A 375 9.60 -8.67 -11.44
C LEU A 375 8.23 -8.02 -11.43
N CYS A 376 8.18 -6.71 -11.71
CA CYS A 376 6.86 -6.08 -11.73
C CYS A 376 6.02 -6.60 -12.89
N GLU A 377 6.61 -6.89 -14.05
CA GLU A 377 5.85 -7.49 -15.14
C GLU A 377 5.39 -8.90 -14.77
N ASN A 378 6.23 -9.64 -14.08
CA ASN A 378 5.84 -10.97 -13.64
C ASN A 378 4.68 -10.89 -12.66
N TYR A 379 4.69 -9.90 -11.75
CA TYR A 379 3.53 -9.76 -10.89
C TYR A 379 2.29 -9.45 -11.70
N SER A 380 2.41 -8.54 -12.69
CA SER A 380 1.34 -8.22 -13.61
C SER A 380 0.73 -9.50 -14.20
N LYS A 381 1.63 -10.38 -14.61
CA LYS A 381 1.18 -11.63 -15.24
C LYS A 381 0.56 -12.57 -14.22
N LEU A 382 1.05 -12.55 -12.98
CA LEU A 382 0.57 -13.42 -11.92
C LEU A 382 -0.79 -13.02 -11.37
N ASP A 383 -1.10 -11.71 -11.39
CA ASP A 383 -2.27 -11.17 -10.71
C ASP A 383 -3.58 -11.86 -11.08
N PRO A 384 -3.90 -12.03 -12.37
CA PRO A 384 -5.14 -12.77 -12.73
C PRO A 384 -5.18 -14.20 -12.18
N TYR A 385 -4.05 -14.78 -11.77
CA TYR A 385 -4.04 -16.17 -11.34
C TYR A 385 -4.15 -16.36 -9.82
N ILE A 386 -3.98 -15.30 -9.03
CA ILE A 386 -4.07 -15.42 -7.56
C ILE A 386 -5.08 -14.47 -6.94
N ARG A 387 -5.48 -13.37 -7.59
CA ARG A 387 -6.33 -12.34 -6.99
C ARG A 387 -7.72 -12.35 -7.61
N SER A 388 -8.74 -12.61 -6.80
CA SER A 388 -10.16 -12.45 -7.12
C SER A 388 -10.39 -11.02 -7.60
N ARG A 389 -11.04 -10.78 -8.74
CA ARG A 389 -11.27 -9.42 -9.21
C ARG A 389 -12.11 -8.60 -8.23
N SER A 390 -11.76 -7.33 -8.04
CA SER A 390 -12.51 -6.37 -7.23
C SER A 390 -13.51 -5.62 -8.11
N VAL A 391 -14.37 -4.83 -7.45
CA VAL A 391 -15.35 -4.05 -8.19
C VAL A 391 -14.66 -3.12 -9.18
N TYR A 392 -13.43 -2.71 -8.89
CA TYR A 392 -12.71 -1.80 -9.78
C TYR A 392 -12.20 -2.50 -11.03
N ASP A 393 -11.93 -3.81 -10.95
CA ASP A 393 -11.59 -4.60 -12.13
C ASP A 393 -12.78 -4.73 -13.07
N TYR A 394 -14.01 -4.75 -12.53
CA TYR A 394 -15.21 -4.87 -13.37
C TYR A 394 -15.60 -3.53 -13.98
N ASN A 395 -15.57 -2.45 -13.20
CA ASN A 395 -16.03 -1.16 -13.68
C ASN A 395 -14.96 -0.44 -14.50
N GLY A 396 -13.92 -1.15 -14.94
CA GLY A 396 -12.95 -0.60 -15.85
C GLY A 396 -11.94 0.38 -15.26
N SER A 397 -12.00 0.67 -13.95
CA SER A 397 -11.10 1.67 -13.39
C SER A 397 -9.72 1.13 -12.97
N LEU A 398 -9.58 -0.15 -12.68
CA LEU A 398 -8.30 -0.72 -12.27
C LEU A 398 -7.71 -1.62 -13.37
N LYS A 399 -6.46 -1.36 -13.74
CA LYS A 399 -5.71 -2.18 -14.70
C LYS A 399 -4.39 -2.55 -14.04
N VAL A 400 -4.16 -3.84 -13.79
CA VAL A 400 -2.86 -4.26 -13.21
C VAL A 400 -1.91 -4.72 -14.32
#